data_7NLV
#
_entry.id   7NLV
#
_cell.length_a   49.320
_cell.length_b   97.600
_cell.length_c   50.900
_cell.angle_alpha   90.000
_cell.angle_beta   110.260
_cell.angle_gamma   90.000
#
_symmetry.space_group_name_H-M   'P 1 21 1'
#
loop_
_entity.id
_entity.type
_entity.pdbx_description
1 polymer Streptavidin
2 non-polymer 5-((3aS,4S,6aR)-2-oxohexahydro-1H-thieno[3,4-d]imidazol-4-yl)-N-((S)-pyrrolidin-3-yl)pentanamide
3 water water
#
_entity_poly.entity_id   1
_entity_poly.type   'polypeptide(L)'
_entity_poly.pdbx_seq_one_letter_code
;MAEAGITGTWYNQLGSTFIVTAGADGALTGTYESAVGNAESRYVLTGRYDSAPATDGSGTALGWTVAWKNNYRNAHSATT
WSGQYVGGAEARINTQWLLTSGTTEANAWKSTLVGHDTFTKVKPSAAS
;
_entity_poly.pdbx_strand_id   AAA,BBB,CCC,DDD
#
loop_
_chem_comp.id
_chem_comp.type
_chem_comp.name
_chem_comp.formula
UJE non-polymer 5-((3aS,4S,6aR)-2-oxohexahydro-1H-thieno[3,4-d]imidazol-4-yl)-N-((S)-pyrrolidin-3-yl)pentanamide 'C14 H24 N4 O2 S'
#
# COMPACT_ATOMS: atom_id res chain seq x y z
N GLY A 5 -18.34 20.86 -7.92
CA GLY A 5 -17.83 19.90 -6.89
C GLY A 5 -16.56 19.21 -7.35
N ILE A 6 -16.64 17.93 -7.71
CA ILE A 6 -15.47 17.15 -8.21
C ILE A 6 -15.09 17.70 -9.59
N THR A 7 -16.07 18.02 -10.41
CA THR A 7 -15.82 18.42 -11.82
C THR A 7 -14.95 19.67 -11.82
N GLY A 8 -13.85 19.61 -12.57
CA GLY A 8 -12.98 20.78 -12.82
C GLY A 8 -11.54 20.38 -13.06
N THR A 9 -10.62 21.33 -12.91
CA THR A 9 -9.18 21.14 -13.15
C THR A 9 -8.49 21.20 -11.79
N TRP A 10 -7.81 20.10 -11.43
CA TRP A 10 -7.05 19.94 -10.17
C TRP A 10 -5.57 19.81 -10.45
N TYR A 11 -4.77 20.22 -9.48
CA TYR A 11 -3.29 20.08 -9.47
C TYR A 11 -2.89 19.39 -8.18
N ASN A 12 -1.92 18.50 -8.23
CA ASN A 12 -1.37 17.91 -7.00
C ASN A 12 -0.05 18.55 -6.60
N GLN A 13 0.56 17.97 -5.58
CA GLN A 13 1.77 18.56 -4.93
C GLN A 13 2.97 18.48 -5.88
N LEU A 14 2.90 17.69 -6.95
CA LEU A 14 3.98 17.56 -7.97
C LEU A 14 3.78 18.59 -9.09
N GLY A 15 2.62 19.26 -9.11
CA GLY A 15 2.17 20.11 -10.22
C GLY A 15 1.59 19.34 -11.40
N SER A 16 1.24 18.03 -11.27
CA SER A 16 0.44 17.29 -12.25
C SER A 16 -0.95 17.90 -12.35
N THR A 17 -1.56 17.79 -13.53
CA THR A 17 -2.89 18.38 -13.84
C THR A 17 -3.89 17.27 -14.08
N PHE A 18 -4.96 17.29 -13.28
CA PHE A 18 -6.05 16.29 -13.27
C PHE A 18 -7.31 17.05 -13.69
N ILE A 19 -7.78 16.81 -14.93
CA ILE A 19 -8.97 17.46 -15.54
C ILE A 19 -10.05 16.38 -15.57
N VAL A 20 -11.11 16.62 -14.81
CA VAL A 20 -12.12 15.55 -14.58
C VAL A 20 -13.55 16.10 -14.72
N THR A 21 -14.47 15.26 -15.21
CA THR A 21 -15.93 15.49 -15.15
C THR A 21 -16.59 14.36 -14.37
N ALA A 22 -17.37 14.74 -13.37
CA ALA A 22 -18.15 13.85 -12.48
C ALA A 22 -19.53 13.70 -13.11
N GLY A 23 -19.75 12.59 -13.81
CA GLY A 23 -21.05 12.23 -14.45
C GLY A 23 -22.10 11.93 -13.41
N ALA A 24 -23.38 12.20 -13.74
CA ALA A 24 -24.55 11.86 -12.91
C ALA A 24 -24.60 10.35 -12.65
N ASP A 25 -23.96 9.56 -13.50
CA ASP A 25 -23.95 8.07 -13.47
C ASP A 25 -22.90 7.57 -12.46
N GLY A 26 -22.18 8.47 -11.79
CA GLY A 26 -21.11 8.11 -10.84
C GLY A 26 -19.78 7.92 -11.53
N ALA A 27 -19.68 8.25 -12.82
CA ALA A 27 -18.46 8.15 -13.65
C ALA A 27 -17.56 9.37 -13.39
N LEU A 28 -16.26 9.12 -13.52
CA LEU A 28 -15.23 10.15 -13.68
C LEU A 28 -14.58 9.92 -15.03
N THR A 29 -14.45 10.99 -15.84
N THR A 29 -14.51 10.97 -15.86
CA THR A 29 -13.84 10.96 -17.19
CA THR A 29 -13.80 10.93 -17.16
C THR A 29 -13.01 12.22 -17.39
C THR A 29 -12.91 12.17 -17.20
N GLY A 30 -11.78 12.09 -17.89
CA GLY A 30 -11.00 13.29 -18.20
C GLY A 30 -9.59 12.96 -18.62
N THR A 31 -8.62 13.77 -18.19
CA THR A 31 -7.24 13.60 -18.67
C THR A 31 -6.31 13.88 -17.52
N TYR A 32 -5.19 13.17 -17.53
CA TYR A 32 -4.13 13.36 -16.53
C TYR A 32 -2.86 13.70 -17.29
N GLU A 33 -2.11 14.65 -16.71
CA GLU A 33 -0.78 15.02 -17.23
C GLU A 33 0.13 15.06 -16.02
N SER A 34 1.09 14.13 -16.00
CA SER A 34 2.02 13.99 -14.88
C SER A 34 3.19 14.96 -15.07
N ALA A 35 3.55 15.65 -13.98
CA ALA A 35 4.75 16.51 -13.88
C ALA A 35 6.01 15.67 -13.88
N VAL A 36 5.90 14.36 -13.58
CA VAL A 36 7.06 13.48 -13.30
C VAL A 36 6.91 12.13 -14.01
N GLY A 37 8.06 11.49 -14.19
CA GLY A 37 8.19 10.08 -14.60
C GLY A 37 8.18 9.93 -16.10
N ASN A 38 7.97 8.69 -16.54
CA ASN A 38 7.99 8.27 -17.96
C ASN A 38 6.63 8.62 -18.56
N ALA A 39 6.39 9.91 -18.78
CA ALA A 39 5.07 10.45 -19.19
C ALA A 39 5.27 11.78 -19.93
N GLU A 40 4.53 12.02 -21.01
CA GLU A 40 4.49 13.35 -21.68
C GLU A 40 3.05 13.61 -22.10
N SER A 41 2.58 14.84 -21.94
CA SER A 41 1.25 15.29 -22.41
C SER A 41 0.14 14.57 -21.65
N ARG A 42 -1.05 14.52 -22.23
CA ARG A 42 -2.27 14.03 -21.55
C ARG A 42 -2.48 12.54 -21.78
N TYR A 43 -3.07 11.89 -20.78
CA TYR A 43 -3.45 10.46 -20.82
C TYR A 43 -4.92 10.39 -20.42
N VAL A 44 -5.64 9.46 -21.05
CA VAL A 44 -7.06 9.25 -20.72
C VAL A 44 -7.12 8.79 -19.26
N LEU A 45 -8.14 9.26 -18.53
CA LEU A 45 -8.49 8.63 -17.23
C LEU A 45 -9.96 8.24 -17.22
N THR A 46 -10.28 7.25 -16.42
CA THR A 46 -11.68 6.92 -16.10
C THR A 46 -11.71 6.49 -14.65
N GLY A 47 -12.84 6.71 -13.99
CA GLY A 47 -13.03 6.29 -12.60
C GLY A 47 -14.47 6.36 -12.15
N ARG A 48 -14.70 6.23 -10.86
CA ARG A 48 -16.03 6.16 -10.23
C ARG A 48 -15.99 7.03 -8.98
N TYR A 49 -17.12 7.59 -8.59
CA TYR A 49 -17.21 8.29 -7.28
C TYR A 49 -18.56 7.94 -6.68
N ASP A 50 -18.65 8.07 -5.36
CA ASP A 50 -19.95 7.94 -4.67
C ASP A 50 -20.82 9.15 -5.05
N SER A 51 -21.83 8.95 -5.91
CA SER A 51 -22.72 10.05 -6.34
C SER A 51 -23.82 10.33 -5.32
N ALA A 52 -23.83 9.67 -4.16
CA ALA A 52 -24.72 9.99 -3.02
C ALA A 52 -23.95 9.85 -1.71
N PRO A 53 -22.97 10.74 -1.41
CA PRO A 53 -22.17 10.61 -0.19
C PRO A 53 -23.00 10.84 1.07
N ALA A 54 -22.46 10.44 2.23
CA ALA A 54 -23.07 10.69 3.56
C ALA A 54 -23.21 12.20 3.73
N THR A 55 -24.14 12.63 4.59
CA THR A 55 -24.37 14.06 4.93
C THR A 55 -23.95 14.33 6.38
N ASP A 56 -22.90 13.66 6.84
CA ASP A 56 -22.42 13.72 8.26
C ASP A 56 -21.03 14.36 8.31
N GLY A 57 -20.68 15.16 7.30
CA GLY A 57 -19.36 15.80 7.13
C GLY A 57 -18.29 14.87 6.58
N SER A 58 -18.61 13.61 6.27
CA SER A 58 -17.69 12.63 5.62
C SER A 58 -17.38 13.09 4.19
N GLY A 59 -16.17 12.78 3.72
CA GLY A 59 -15.72 13.03 2.34
C GLY A 59 -16.48 12.12 1.38
N THR A 60 -16.30 12.36 0.09
CA THR A 60 -16.91 11.59 -1.01
C THR A 60 -15.86 10.65 -1.58
N ALA A 61 -16.07 9.34 -1.45
CA ALA A 61 -15.13 8.31 -1.91
C ALA A 61 -15.09 8.30 -3.44
N LEU A 62 -13.90 8.13 -3.99
CA LEU A 62 -13.68 8.10 -5.46
C LEU A 62 -12.38 7.38 -5.76
N GLY A 63 -12.20 7.05 -7.03
CA GLY A 63 -11.01 6.38 -7.58
C GLY A 63 -10.93 6.64 -9.06
N TRP A 64 -9.75 6.60 -9.63
CA TRP A 64 -9.60 6.63 -11.10
C TRP A 64 -8.33 5.92 -11.51
N THR A 65 -8.23 5.62 -12.79
CA THR A 65 -7.09 4.90 -13.38
C THR A 65 -6.54 5.72 -14.54
N VAL A 66 -5.24 5.69 -14.69
CA VAL A 66 -4.52 6.08 -15.92
C VAL A 66 -3.62 4.93 -16.31
N ALA A 67 -3.77 4.44 -17.54
CA ALA A 67 -2.72 3.65 -18.21
C ALA A 67 -1.78 4.61 -18.96
N TRP A 68 -0.49 4.45 -18.75
CA TRP A 68 0.53 5.43 -19.20
C TRP A 68 0.96 5.13 -20.62
N LYS A 69 -0.06 4.98 -21.47
CA LYS A 69 0.07 4.89 -22.93
C LYS A 69 -0.77 6.00 -23.58
N ASN A 70 -0.17 6.74 -24.50
CA ASN A 70 -0.88 7.72 -25.34
C ASN A 70 -0.23 7.71 -26.71
N ASN A 71 -0.51 8.69 -27.55
CA ASN A 71 -0.04 8.62 -28.96
C ASN A 71 1.46 8.90 -29.02
N TYR A 72 2.10 9.28 -27.90
CA TYR A 72 3.52 9.71 -27.87
C TYR A 72 4.46 8.70 -27.20
N ARG A 73 3.96 7.97 -26.21
CA ARG A 73 4.80 7.33 -25.17
C ARG A 73 4.02 6.16 -24.57
N ASN A 74 4.69 5.03 -24.33
CA ASN A 74 4.11 3.91 -23.57
C ASN A 74 5.08 3.55 -22.44
N ALA A 75 4.67 3.76 -21.19
CA ALA A 75 5.52 3.42 -20.02
C ALA A 75 5.10 2.09 -19.41
N HIS A 76 4.31 1.30 -20.15
CA HIS A 76 3.89 -0.08 -19.78
C HIS A 76 3.53 -0.15 -18.29
N SER A 77 2.60 0.72 -17.86
CA SER A 77 2.29 0.88 -16.42
C SER A 77 0.92 1.55 -16.26
N ALA A 78 0.29 1.37 -15.12
CA ALA A 78 -1.01 1.98 -14.80
C ALA A 78 -0.95 2.48 -13.37
N THR A 79 -1.53 3.66 -13.15
CA THR A 79 -1.74 4.14 -11.78
C THR A 79 -3.23 4.16 -11.48
N THR A 80 -3.59 3.72 -10.27
CA THR A 80 -4.92 3.94 -9.67
C THR A 80 -4.76 4.86 -8.46
N TRP A 81 -5.61 5.87 -8.39
CA TRP A 81 -5.73 6.76 -7.21
C TRP A 81 -7.02 6.43 -6.49
N SER A 82 -6.97 6.14 -5.21
CA SER A 82 -8.13 5.83 -4.36
C SER A 82 -8.16 6.90 -3.28
N GLY A 83 -9.29 7.54 -3.06
CA GLY A 83 -9.28 8.70 -2.16
C GLY A 83 -10.65 9.22 -1.81
N GLN A 84 -10.67 10.44 -1.29
CA GLN A 84 -11.95 11.14 -1.04
C GLN A 84 -11.81 12.62 -1.37
N TYR A 85 -12.89 13.15 -1.90
CA TYR A 85 -13.10 14.58 -2.14
C TYR A 85 -13.64 15.19 -0.85
N VAL A 86 -13.00 16.27 -0.41
CA VAL A 86 -13.43 17.05 0.77
C VAL A 86 -13.88 18.43 0.27
N GLY A 87 -15.19 18.71 0.37
CA GLY A 87 -15.81 19.93 -0.15
C GLY A 87 -15.45 21.16 0.68
N GLY A 88 -16.03 22.31 0.31
CA GLY A 88 -15.83 23.58 1.03
C GLY A 88 -15.12 24.61 0.16
N ALA A 89 -14.78 25.74 0.78
CA ALA A 89 -14.08 26.89 0.15
C ALA A 89 -12.76 26.41 -0.44
N GLU A 90 -12.07 25.56 0.32
CA GLU A 90 -10.75 24.99 -0.05
C GLU A 90 -10.96 23.50 -0.33
N ALA A 91 -11.64 23.20 -1.44
CA ALA A 91 -11.92 21.80 -1.85
C ALA A 91 -10.59 21.06 -2.03
N ARG A 92 -10.58 19.77 -1.68
CA ARG A 92 -9.36 18.93 -1.71
C ARG A 92 -9.76 17.52 -2.15
N ILE A 93 -8.93 16.89 -2.95
CA ILE A 93 -9.01 15.41 -3.15
C ILE A 93 -7.74 14.81 -2.53
N ASN A 94 -7.93 13.99 -1.51
CA ASN A 94 -6.83 13.30 -0.79
C ASN A 94 -6.81 11.86 -1.26
N THR A 95 -5.70 11.46 -1.85
CA THR A 95 -5.55 10.13 -2.47
C THR A 95 -4.33 9.37 -1.97
N GLN A 96 -4.40 8.06 -2.03
CA GLN A 96 -3.24 7.16 -2.10
C GLN A 96 -3.34 6.44 -3.47
N TRP A 97 -2.20 6.02 -4.00
CA TRP A 97 -2.17 5.48 -5.38
C TRP A 97 -1.21 4.31 -5.44
N LEU A 98 -1.53 3.44 -6.38
CA LEU A 98 -0.68 2.29 -6.71
C LEU A 98 -0.32 2.37 -8.18
N LEU A 99 0.96 2.32 -8.50
CA LEU A 99 1.47 2.43 -9.88
C LEU A 99 2.11 1.08 -10.20
N THR A 100 1.42 0.28 -11.02
CA THR A 100 1.88 -1.07 -11.39
C THR A 100 2.52 -1.00 -12.77
N SER A 101 3.73 -1.53 -12.91
CA SER A 101 4.41 -1.76 -14.21
C SER A 101 4.19 -3.19 -14.70
N GLY A 102 4.03 -3.35 -16.02
CA GLY A 102 4.10 -4.67 -16.67
C GLY A 102 5.51 -5.21 -16.53
N THR A 103 5.67 -6.32 -15.83
CA THR A 103 6.99 -6.93 -15.58
C THR A 103 6.97 -8.39 -15.96
N THR A 104 8.15 -8.97 -16.06
CA THR A 104 8.34 -10.43 -16.09
C THR A 104 7.95 -10.94 -14.71
N GLU A 105 7.75 -12.25 -14.58
CA GLU A 105 7.39 -12.91 -13.30
C GLU A 105 8.55 -12.73 -12.31
N ALA A 106 9.79 -12.79 -12.77
CA ALA A 106 11.01 -12.63 -11.94
C ALA A 106 11.00 -11.27 -11.24
N ASN A 107 10.49 -10.23 -11.90
CA ASN A 107 10.54 -8.82 -11.42
C ASN A 107 9.18 -8.38 -10.88
N ALA A 108 8.17 -9.26 -10.79
CA ALA A 108 6.82 -8.89 -10.33
C ALA A 108 6.90 -8.27 -8.92
N TRP A 109 7.82 -8.73 -8.08
CA TRP A 109 7.95 -8.29 -6.67
C TRP A 109 8.16 -6.79 -6.62
N LYS A 110 8.77 -6.21 -7.66
CA LYS A 110 9.11 -4.76 -7.69
C LYS A 110 8.27 -4.05 -8.76
N SER A 111 7.09 -4.58 -9.05
CA SER A 111 6.17 -4.07 -10.09
C SER A 111 5.44 -2.83 -9.61
N THR A 112 5.28 -2.63 -8.29
CA THR A 112 4.25 -1.70 -7.80
C THR A 112 4.88 -0.64 -6.87
N LEU A 113 4.72 0.61 -7.28
CA LEU A 113 5.05 1.80 -6.43
C LEU A 113 3.78 2.25 -5.72
N VAL A 114 3.93 2.82 -4.54
CA VAL A 114 2.81 3.36 -3.72
C VAL A 114 3.17 4.79 -3.29
N GLY A 115 2.15 5.62 -3.20
CA GLY A 115 2.34 6.98 -2.74
C GLY A 115 1.04 7.65 -2.46
N HIS A 116 1.11 8.95 -2.24
CA HIS A 116 -0.05 9.76 -1.84
C HIS A 116 0.02 11.10 -2.57
N ASP A 117 -1.08 11.49 -3.16
CA ASP A 117 -1.23 12.79 -3.87
C ASP A 117 -2.42 13.52 -3.27
N THR A 118 -2.21 14.80 -2.95
CA THR A 118 -3.33 15.70 -2.57
C THR A 118 -3.53 16.73 -3.67
N PHE A 119 -4.75 16.82 -4.17
CA PHE A 119 -5.15 17.74 -5.24
C PHE A 119 -5.91 18.94 -4.66
N THR A 120 -5.64 20.11 -5.22
CA THR A 120 -6.41 21.38 -5.02
C THR A 120 -6.80 21.92 -6.40
N LYS A 121 -7.89 22.69 -6.47
CA LYS A 121 -8.21 23.53 -7.65
C LYS A 121 -7.38 24.81 -7.54
N GLY B 5 -7.51 -13.07 -23.99
CA GLY B 5 -6.92 -11.91 -23.28
C GLY B 5 -7.74 -11.49 -22.07
N ILE B 6 -7.80 -10.19 -21.80
CA ILE B 6 -8.41 -9.67 -20.55
C ILE B 6 -9.93 -9.88 -20.62
N THR B 7 -10.57 -9.71 -21.77
CA THR B 7 -12.05 -9.68 -21.83
C THR B 7 -12.62 -11.00 -21.30
N GLY B 8 -13.64 -10.91 -20.45
CA GLY B 8 -14.38 -12.09 -19.94
C GLY B 8 -14.56 -12.03 -18.45
N THR B 9 -14.67 -13.18 -17.79
CA THR B 9 -15.14 -13.38 -16.41
C THR B 9 -13.94 -13.91 -15.65
N TRP B 10 -13.58 -13.20 -14.56
CA TRP B 10 -12.43 -13.53 -13.68
C TRP B 10 -12.92 -13.74 -12.26
N TYR B 11 -12.20 -14.63 -11.56
CA TYR B 11 -12.54 -14.98 -10.17
C TYR B 11 -11.31 -14.78 -9.30
N ASN B 12 -11.53 -14.13 -8.17
CA ASN B 12 -10.41 -14.00 -7.21
C ASN B 12 -10.52 -14.98 -6.03
N GLN B 13 -9.54 -14.93 -5.14
CA GLN B 13 -9.38 -15.92 -4.05
C GLN B 13 -10.51 -15.81 -3.02
N LEU B 14 -11.28 -14.71 -3.04
CA LEU B 14 -12.45 -14.50 -2.14
C LEU B 14 -13.70 -15.09 -2.77
N GLY B 15 -13.61 -15.49 -4.04
CA GLY B 15 -14.79 -15.94 -4.83
C GLY B 15 -15.58 -14.78 -5.44
N SER B 16 -15.00 -13.59 -5.50
CA SER B 16 -15.58 -12.38 -6.12
C SER B 16 -15.55 -12.56 -7.65
N THR B 17 -16.52 -11.99 -8.33
CA THR B 17 -16.68 -12.13 -9.80
C THR B 17 -16.42 -10.78 -10.46
N PHE B 18 -15.44 -10.78 -11.36
CA PHE B 18 -14.97 -9.62 -12.15
C PHE B 18 -15.30 -9.90 -13.60
N ILE B 19 -16.27 -9.14 -14.10
CA ILE B 19 -16.71 -9.26 -15.51
C ILE B 19 -16.24 -8.01 -16.23
N VAL B 20 -15.38 -8.18 -17.23
CA VAL B 20 -14.72 -7.02 -17.91
C VAL B 20 -14.64 -7.22 -19.41
N THR B 21 -14.81 -6.11 -20.13
CA THR B 21 -14.47 -5.94 -21.56
C THR B 21 -13.31 -4.94 -21.69
N ALA B 22 -12.26 -5.38 -22.39
CA ALA B 22 -11.05 -4.62 -22.74
C ALA B 22 -11.21 -4.05 -24.16
N GLY B 23 -11.54 -2.78 -24.27
CA GLY B 23 -11.77 -2.09 -25.58
C GLY B 23 -10.45 -1.82 -26.29
N ALA B 24 -10.47 -1.72 -27.63
CA ALA B 24 -9.31 -1.33 -28.47
C ALA B 24 -8.71 0.00 -28.00
N ASP B 25 -9.55 0.89 -27.47
CA ASP B 25 -9.12 2.22 -26.98
C ASP B 25 -8.34 2.14 -25.65
N GLY B 26 -8.19 0.96 -25.02
CA GLY B 26 -7.49 0.83 -23.73
C GLY B 26 -8.44 0.92 -22.56
N ALA B 27 -9.73 0.97 -22.83
CA ALA B 27 -10.82 1.07 -21.83
C ALA B 27 -11.05 -0.32 -21.22
N LEU B 28 -11.41 -0.34 -19.95
CA LEU B 28 -12.00 -1.50 -19.24
C LEU B 28 -13.37 -1.07 -18.77
N THR B 29 -14.38 -1.86 -19.11
CA THR B 29 -15.74 -1.60 -18.65
C THR B 29 -16.30 -2.94 -18.17
N GLY B 30 -17.15 -2.91 -17.17
CA GLY B 30 -17.77 -4.15 -16.71
C GLY B 30 -18.47 -4.01 -15.39
N THR B 31 -18.56 -5.14 -14.70
CA THR B 31 -19.23 -5.22 -13.39
C THR B 31 -18.37 -6.02 -12.45
N TYR B 32 -18.53 -5.75 -11.18
CA TYR B 32 -17.83 -6.47 -10.11
C TYR B 32 -18.86 -6.93 -9.10
N GLU B 33 -18.70 -8.16 -8.60
CA GLU B 33 -19.55 -8.70 -7.53
C GLU B 33 -18.62 -9.22 -6.45
N SER B 34 -18.69 -8.60 -5.27
CA SER B 34 -17.80 -8.91 -4.14
C SER B 34 -18.42 -10.03 -3.33
N ALA B 35 -17.64 -11.07 -3.02
CA ALA B 35 -18.05 -12.18 -2.14
C ALA B 35 -18.08 -11.70 -0.69
N VAL B 36 -17.39 -10.60 -0.39
CA VAL B 36 -17.24 -10.06 1.00
C VAL B 36 -17.54 -8.55 1.05
N GLY B 37 -17.70 -8.05 2.27
CA GLY B 37 -17.77 -6.62 2.58
C GLY B 37 -19.18 -6.07 2.47
N ASN B 38 -19.27 -4.74 2.51
CA ASN B 38 -20.54 -3.99 2.50
C ASN B 38 -20.99 -3.91 1.04
N ALA B 39 -21.47 -5.04 0.49
CA ALA B 39 -21.72 -5.15 -0.97
C ALA B 39 -22.80 -6.19 -1.21
N GLU B 40 -23.58 -6.02 -2.26
CA GLU B 40 -24.50 -7.05 -2.78
C GLU B 40 -24.63 -6.82 -4.28
N SER B 41 -24.81 -7.91 -5.01
CA SER B 41 -25.07 -7.88 -6.48
C SER B 41 -23.90 -7.21 -7.20
N ARG B 42 -24.14 -6.73 -8.41
CA ARG B 42 -23.07 -6.21 -9.31
C ARG B 42 -22.93 -4.69 -9.12
N TYR B 43 -21.69 -4.23 -9.28
CA TYR B 43 -21.32 -2.79 -9.29
C TYR B 43 -20.64 -2.49 -10.62
N VAL B 44 -20.90 -1.29 -11.13
CA VAL B 44 -20.20 -0.75 -12.32
C VAL B 44 -18.72 -0.62 -11.99
N LEU B 45 -17.87 -1.02 -12.93
CA LEU B 45 -16.44 -0.69 -12.88
C LEU B 45 -16.04 -0.05 -14.20
N THR B 46 -15.04 0.84 -14.14
CA THR B 46 -14.37 1.36 -15.35
C THR B 46 -12.86 1.36 -15.08
N GLY B 47 -12.05 1.25 -16.10
CA GLY B 47 -10.59 1.22 -15.89
C GLY B 47 -9.85 1.39 -17.18
N ARG B 48 -8.57 1.14 -17.16
CA ARG B 48 -7.68 1.38 -18.30
C ARG B 48 -6.70 0.22 -18.31
N TYR B 49 -6.21 -0.19 -19.47
CA TYR B 49 -5.09 -1.14 -19.55
C TYR B 49 -4.18 -0.66 -20.66
N ASP B 50 -2.93 -1.15 -20.64
CA ASP B 50 -1.92 -0.96 -21.71
C ASP B 50 -2.37 -1.80 -22.92
N SER B 51 -2.89 -1.16 -23.97
CA SER B 51 -3.52 -1.82 -25.15
C SER B 51 -2.42 -2.21 -26.14
N ALA B 52 -1.20 -1.69 -25.95
CA ALA B 52 0.00 -2.09 -26.72
C ALA B 52 1.08 -2.51 -25.74
N PRO B 53 0.89 -3.63 -24.99
N PRO B 53 0.89 -3.63 -24.99
CA PRO B 53 1.83 -4.03 -23.97
CA PRO B 53 1.83 -4.03 -23.97
C PRO B 53 3.16 -4.44 -24.62
C PRO B 53 3.15 -4.48 -24.61
N ALA B 54 4.22 -4.57 -23.81
CA ALA B 54 5.50 -5.15 -24.28
C ALA B 54 5.19 -6.59 -24.70
N THR B 55 5.98 -7.16 -25.61
CA THR B 55 5.76 -8.55 -26.13
C THR B 55 6.97 -9.39 -25.72
N ASP B 56 7.43 -9.18 -24.48
CA ASP B 56 8.75 -9.65 -23.98
C ASP B 56 8.53 -10.66 -22.84
N GLY B 57 7.32 -11.23 -22.74
CA GLY B 57 6.88 -12.02 -21.58
C GLY B 57 6.64 -11.13 -20.35
N SER B 58 6.50 -9.81 -20.56
CA SER B 58 6.02 -8.88 -19.51
C SER B 58 4.50 -9.01 -19.38
N GLY B 59 3.99 -8.76 -18.18
CA GLY B 59 2.55 -8.63 -17.91
C GLY B 59 1.99 -7.38 -18.58
N THR B 60 0.67 -7.28 -18.62
CA THR B 60 -0.06 -6.12 -19.19
C THR B 60 -0.59 -5.30 -18.01
N ALA B 61 -0.04 -4.10 -17.83
CA ALA B 61 -0.44 -3.19 -16.73
C ALA B 61 -1.89 -2.76 -16.91
N LEU B 62 -2.67 -2.79 -15.83
CA LEU B 62 -4.08 -2.35 -15.83
C LEU B 62 -4.48 -1.85 -14.45
N GLY B 63 -5.61 -1.15 -14.42
CA GLY B 63 -6.31 -0.80 -13.18
C GLY B 63 -7.76 -0.53 -13.43
N TRP B 64 -8.55 -0.66 -12.39
CA TRP B 64 -9.97 -0.29 -12.44
C TRP B 64 -10.48 0.12 -11.07
N THR B 65 -11.60 0.83 -11.09
CA THR B 65 -12.29 1.36 -9.91
C THR B 65 -13.73 0.84 -9.84
N VAL B 66 -14.16 0.58 -8.62
CA VAL B 66 -15.57 0.31 -8.23
C VAL B 66 -15.90 1.29 -7.11
N ALA B 67 -16.88 2.16 -7.30
CA ALA B 67 -17.55 2.92 -6.22
C ALA B 67 -18.69 2.03 -5.73
N TRP B 68 -18.79 1.82 -4.43
CA TRP B 68 -19.63 0.76 -3.84
C TRP B 68 -21.03 1.31 -3.63
N LYS B 69 -21.57 1.88 -4.69
CA LYS B 69 -22.96 2.33 -4.80
C LYS B 69 -23.59 1.69 -6.04
N ASN B 70 -24.70 0.99 -5.83
CA ASN B 70 -25.55 0.44 -6.91
C ASN B 70 -27.01 0.65 -6.47
N ASN B 71 -27.96 0.02 -7.15
CA ASN B 71 -29.41 0.24 -6.92
C ASN B 71 -29.90 -0.40 -5.61
N TYR B 72 -29.06 -1.18 -4.93
N TYR B 72 -29.04 -1.14 -4.90
CA TYR B 72 -29.38 -1.89 -3.67
CA TYR B 72 -29.40 -1.92 -3.70
C TYR B 72 -28.77 -1.16 -2.47
C TYR B 72 -28.68 -1.36 -2.45
N ARG B 73 -27.50 -0.76 -2.60
CA ARG B 73 -26.63 -0.46 -1.45
C ARG B 73 -25.65 0.66 -1.79
N ASN B 74 -25.28 1.45 -0.78
CA ASN B 74 -24.20 2.46 -0.86
C ASN B 74 -23.33 2.32 0.39
N ALA B 75 -22.08 1.91 0.17
CA ALA B 75 -21.10 1.60 1.22
C ALA B 75 -20.13 2.79 1.38
N HIS B 76 -20.44 3.93 0.74
CA HIS B 76 -19.67 5.20 0.78
C HIS B 76 -18.19 4.91 0.72
N SER B 77 -17.78 4.20 -0.31
CA SER B 77 -16.38 3.75 -0.49
C SER B 77 -16.12 3.43 -1.94
N ALA B 78 -14.86 3.25 -2.26
CA ALA B 78 -14.34 3.03 -3.62
C ALA B 78 -13.07 2.21 -3.53
N THR B 79 -13.00 1.14 -4.29
CA THR B 79 -11.76 0.35 -4.38
C THR B 79 -11.11 0.62 -5.73
N THR B 80 -9.81 0.71 -5.81
CA THR B 80 -9.02 0.68 -7.06
C THR B 80 -8.11 -0.54 -7.02
N TRP B 81 -8.18 -1.35 -8.06
CA TRP B 81 -7.20 -2.43 -8.28
C TRP B 81 -6.18 -1.94 -9.29
N SER B 82 -4.89 -2.14 -8.98
CA SER B 82 -3.76 -1.83 -9.87
C SER B 82 -2.94 -3.10 -9.99
N GLY B 83 -2.64 -3.56 -11.20
CA GLY B 83 -2.00 -4.87 -11.34
C GLY B 83 -1.61 -5.15 -12.76
N GLN B 84 -1.35 -6.41 -13.06
CA GLN B 84 -0.97 -6.79 -14.42
C GLN B 84 -1.62 -8.12 -14.75
N TYR B 85 -2.02 -8.25 -16.00
CA TYR B 85 -2.56 -9.46 -16.65
C TYR B 85 -1.36 -10.26 -17.14
N VAL B 86 -1.40 -11.59 -16.89
CA VAL B 86 -0.43 -12.55 -17.46
C VAL B 86 -1.28 -13.59 -18.18
N GLY B 87 -0.99 -13.82 -19.47
CA GLY B 87 -1.70 -14.81 -20.30
C GLY B 87 -1.17 -16.21 -20.06
N GLY B 88 -1.38 -17.11 -21.03
CA GLY B 88 -0.81 -18.47 -21.03
C GLY B 88 -1.67 -19.46 -20.27
N ALA B 89 -1.17 -20.69 -20.11
CA ALA B 89 -1.89 -21.87 -19.59
C ALA B 89 -2.61 -21.46 -18.31
N GLU B 90 -1.84 -20.67 -17.54
CA GLU B 90 -2.30 -20.30 -16.18
C GLU B 90 -2.53 -18.79 -16.13
N ALA B 91 -3.61 -18.30 -16.77
CA ALA B 91 -3.92 -16.86 -16.93
C ALA B 91 -4.24 -16.29 -15.55
N ARG B 92 -3.70 -15.10 -15.27
CA ARG B 92 -3.81 -14.44 -13.95
C ARG B 92 -3.94 -12.91 -14.14
N ILE B 93 -4.81 -12.27 -13.36
CA ILE B 93 -4.69 -10.81 -13.12
C ILE B 93 -4.23 -10.66 -11.66
N ASN B 94 -2.97 -10.27 -11.49
CA ASN B 94 -2.34 -10.12 -10.16
C ASN B 94 -2.47 -8.65 -9.77
N THR B 95 -3.22 -8.35 -8.70
N THR B 95 -3.20 -8.38 -8.68
CA THR B 95 -3.49 -6.93 -8.30
CA THR B 95 -3.56 -6.99 -8.25
C THR B 95 -3.15 -6.65 -6.82
C THR B 95 -3.04 -6.68 -6.84
N GLN B 96 -2.94 -5.38 -6.57
CA GLN B 96 -3.00 -4.82 -5.21
C GLN B 96 -4.10 -3.77 -5.24
N TRP B 97 -4.81 -3.58 -4.15
CA TRP B 97 -5.94 -2.63 -4.16
C TRP B 97 -5.88 -1.65 -2.99
N LEU B 98 -6.54 -0.53 -3.16
CA LEU B 98 -6.76 0.52 -2.13
C LEU B 98 -8.26 0.77 -2.08
N LEU B 99 -8.85 0.53 -0.92
N LEU B 99 -8.84 0.65 -0.88
CA LEU B 99 -10.27 0.81 -0.63
CA LEU B 99 -10.29 0.77 -0.58
C LEU B 99 -10.31 2.00 0.32
C LEU B 99 -10.47 1.94 0.38
N THR B 100 -10.89 3.10 -0.16
CA THR B 100 -11.04 4.34 0.61
C THR B 100 -12.51 4.50 0.93
N SER B 101 -12.83 4.67 2.21
CA SER B 101 -14.17 5.06 2.70
C SER B 101 -14.22 6.57 2.89
N GLY B 102 -15.37 7.19 2.58
CA GLY B 102 -15.65 8.56 2.99
C GLY B 102 -15.58 8.71 4.51
N THR B 103 -14.72 9.59 5.02
CA THR B 103 -14.53 9.80 6.48
C THR B 103 -14.57 11.29 6.80
N THR B 104 -14.88 11.59 8.06
CA THR B 104 -14.66 12.92 8.68
C THR B 104 -13.14 13.16 8.71
N GLU B 105 -12.74 14.43 8.82
CA GLU B 105 -11.31 14.80 8.94
C GLU B 105 -10.69 13.88 10.00
N ALA B 106 -11.31 13.80 11.18
CA ALA B 106 -10.83 13.10 12.40
C ALA B 106 -10.53 11.62 12.09
N ASN B 107 -11.27 11.02 11.15
CA ASN B 107 -11.21 9.56 10.89
C ASN B 107 -10.40 9.27 9.61
N ALA B 108 -9.80 10.27 8.95
CA ALA B 108 -9.15 10.08 7.63
C ALA B 108 -7.93 9.17 7.72
N TRP B 109 -7.22 9.18 8.85
CA TRP B 109 -6.04 8.29 9.03
C TRP B 109 -6.42 6.82 8.83
N LYS B 110 -7.67 6.44 9.14
CA LYS B 110 -8.12 5.03 9.03
C LYS B 110 -9.08 4.88 7.87
N SER B 111 -8.92 5.73 6.87
CA SER B 111 -9.87 5.77 5.72
C SER B 111 -9.64 4.62 4.75
N THR B 112 -8.44 4.08 4.66
CA THR B 112 -7.96 3.32 3.48
C THR B 112 -7.43 1.96 3.86
N LEU B 113 -8.09 0.90 3.37
CA LEU B 113 -7.63 -0.50 3.45
C LEU B 113 -6.78 -0.82 2.24
N VAL B 114 -5.84 -1.73 2.43
CA VAL B 114 -4.95 -2.17 1.34
C VAL B 114 -4.95 -3.69 1.37
N GLY B 115 -4.90 -4.26 0.18
CA GLY B 115 -4.84 -5.71 0.05
C GLY B 115 -4.36 -6.13 -1.30
N HIS B 116 -4.48 -7.41 -1.56
CA HIS B 116 -4.09 -7.99 -2.87
C HIS B 116 -5.10 -9.06 -3.26
N ASP B 117 -5.53 -9.02 -4.52
CA ASP B 117 -6.44 -10.03 -5.14
C ASP B 117 -5.68 -10.62 -6.31
N THR B 118 -5.75 -11.95 -6.43
CA THR B 118 -5.27 -12.68 -7.64
C THR B 118 -6.50 -13.24 -8.37
N PHE B 119 -6.69 -12.83 -9.62
CA PHE B 119 -7.85 -13.27 -10.45
C PHE B 119 -7.39 -14.37 -11.39
N THR B 120 -8.21 -15.41 -11.52
CA THR B 120 -7.98 -16.54 -12.44
C THR B 120 -9.23 -16.82 -13.28
N LYS B 121 -9.08 -17.57 -14.39
CA LYS B 121 -10.15 -17.85 -15.38
C LYS B 121 -11.07 -18.95 -14.86
N VAL B 122 -10.60 -19.77 -13.91
CA VAL B 122 -11.41 -20.88 -13.32
C VAL B 122 -11.39 -20.72 -11.79
N GLY C 5 5.29 -20.36 18.25
CA GLY C 5 4.80 -20.59 16.85
C GLY C 5 5.60 -19.78 15.84
N ILE C 6 5.89 -18.52 16.15
CA ILE C 6 6.55 -17.58 15.20
C ILE C 6 8.04 -17.92 15.13
N THR C 7 8.67 -18.32 16.24
CA THR C 7 10.12 -18.60 16.26
C THR C 7 10.41 -19.72 15.24
N GLY C 8 11.39 -19.52 14.37
CA GLY C 8 11.77 -20.56 13.40
C GLY C 8 12.33 -20.01 12.12
N THR C 9 12.54 -20.88 11.14
CA THR C 9 13.02 -20.52 9.79
C THR C 9 11.83 -20.57 8.84
N TRP C 10 11.63 -19.46 8.16
CA TRP C 10 10.51 -19.26 7.22
C TRP C 10 11.05 -18.96 5.83
N TYR C 11 10.25 -19.25 4.82
CA TYR C 11 10.59 -18.91 3.43
C TYR C 11 9.34 -18.34 2.77
N ASN C 12 9.54 -17.33 1.93
CA ASN C 12 8.39 -16.80 1.17
C ASN C 12 8.36 -17.31 -0.27
N GLN C 13 7.41 -16.77 -1.01
CA GLN C 13 7.09 -17.28 -2.37
C GLN C 13 8.24 -16.95 -3.33
N LEU C 14 9.17 -16.05 -2.95
CA LEU C 14 10.34 -15.72 -3.81
C LEU C 14 11.51 -16.65 -3.47
N GLY C 15 11.40 -17.39 -2.37
CA GLY C 15 12.49 -18.22 -1.85
C GLY C 15 13.44 -17.44 -0.94
N SER C 16 13.00 -16.29 -0.39
CA SER C 16 13.77 -15.52 0.62
C SER C 16 13.66 -16.27 1.94
N THR C 17 14.68 -16.19 2.77
CA THR C 17 14.78 -16.89 4.07
C THR C 17 14.64 -15.87 5.19
N PHE C 18 13.62 -16.05 6.02
CA PHE C 18 13.29 -15.22 7.21
C PHE C 18 13.56 -16.09 8.44
N ILE C 19 14.60 -15.75 9.21
CA ILE C 19 14.96 -16.51 10.44
C ILE C 19 14.67 -15.58 11.59
N VAL C 20 13.80 -16.02 12.49
CA VAL C 20 13.28 -15.10 13.53
C VAL C 20 13.11 -15.84 14.85
N THR C 21 13.39 -15.12 15.95
CA THR C 21 13.05 -15.48 17.33
C THR C 21 12.06 -14.46 17.89
N ALA C 22 10.91 -14.97 18.37
CA ALA C 22 9.84 -14.24 19.08
C ALA C 22 10.10 -14.28 20.59
N GLY C 23 10.55 -13.17 21.17
CA GLY C 23 10.95 -13.07 22.59
C GLY C 23 9.77 -12.88 23.53
N ALA C 24 9.95 -13.12 24.83
CA ALA C 24 8.90 -12.93 25.86
C ALA C 24 8.43 -11.46 25.87
N ASP C 25 9.31 -10.53 25.49
CA ASP C 25 9.09 -9.06 25.57
C ASP C 25 8.26 -8.54 24.38
N GLY C 26 7.75 -9.42 23.50
CA GLY C 26 7.07 -9.02 22.26
C GLY C 26 8.06 -8.65 21.17
N ALA C 27 9.34 -8.95 21.35
CA ALA C 27 10.41 -8.60 20.38
C ALA C 27 10.49 -9.67 19.29
N LEU C 28 10.81 -9.26 18.07
CA LEU C 28 11.26 -10.16 16.98
C LEU C 28 12.69 -9.77 16.68
N THR C 29 13.56 -10.77 16.59
N THR C 29 13.56 -10.77 16.59
CA THR C 29 14.98 -10.56 16.22
CA THR C 29 14.96 -10.55 16.19
C THR C 29 15.40 -11.68 15.29
C THR C 29 15.39 -11.67 15.27
N GLY C 30 16.31 -11.39 14.36
CA GLY C 30 16.77 -12.44 13.42
C GLY C 30 17.48 -11.88 12.23
N THR C 31 17.40 -12.62 11.13
CA THR C 31 18.07 -12.30 9.87
C THR C 31 17.12 -12.57 8.71
N TYR C 32 17.37 -11.80 7.66
CA TYR C 32 16.63 -11.90 6.38
C TYR C 32 17.63 -12.00 5.25
N GLU C 33 17.34 -12.89 4.31
CA GLU C 33 18.11 -13.08 3.06
C GLU C 33 17.12 -13.07 1.90
N SER C 34 17.24 -12.07 1.05
CA SER C 34 16.33 -11.88 -0.10
C SER C 34 16.86 -12.68 -1.27
N ALA C 35 15.97 -13.40 -1.92
CA ALA C 35 16.21 -14.13 -3.18
C ALA C 35 16.37 -13.16 -4.35
N VAL C 36 15.93 -11.89 -4.18
CA VAL C 36 15.86 -10.89 -5.29
C VAL C 36 16.38 -9.52 -4.86
N GLY C 37 16.65 -8.69 -5.86
CA GLY C 37 16.94 -7.27 -5.68
C GLY C 37 18.39 -7.04 -5.34
N ASN C 38 18.67 -5.84 -4.87
CA ASN C 38 20.04 -5.39 -4.51
C ASN C 38 20.36 -5.84 -3.10
N ALA C 39 20.66 -7.12 -2.96
CA ALA C 39 20.79 -7.82 -1.67
C ALA C 39 21.68 -9.05 -1.86
N GLU C 40 22.64 -9.26 -0.96
CA GLU C 40 23.35 -10.55 -0.92
C GLU C 40 23.60 -10.91 0.54
N SER C 41 23.44 -12.19 0.82
CA SER C 41 23.58 -12.81 2.14
C SER C 41 22.57 -12.22 3.11
N ARG C 42 22.87 -12.28 4.40
CA ARG C 42 21.91 -11.99 5.49
C ARG C 42 21.96 -10.53 5.91
N TYR C 43 20.80 -10.03 6.33
CA TYR C 43 20.64 -8.68 6.90
C TYR C 43 19.97 -8.82 8.26
N VAL C 44 20.35 -7.96 9.19
CA VAL C 44 19.65 -7.89 10.49
C VAL C 44 18.19 -7.52 10.26
N LEU C 45 17.31 -8.10 11.05
CA LEU C 45 15.94 -7.59 11.24
C LEU C 45 15.61 -7.44 12.71
N THR C 46 14.69 -6.54 13.00
N THR C 46 14.78 -6.46 13.04
CA THR C 46 14.07 -6.38 14.32
CA THR C 46 14.06 -6.39 14.33
C THR C 46 12.60 -6.03 14.09
C THR C 46 12.60 -6.09 14.07
N GLY C 47 11.76 -6.48 15.01
CA GLY C 47 10.36 -6.12 14.98
C GLY C 47 9.65 -6.43 16.25
N ARG C 48 8.33 -6.49 16.19
CA ARG C 48 7.45 -6.65 17.34
C ARG C 48 6.30 -7.55 16.91
N TYR C 49 5.73 -8.25 17.87
CA TYR C 49 4.52 -9.08 17.63
C TYR C 49 3.66 -8.91 18.86
N ASP C 50 2.39 -9.22 18.70
CA ASP C 50 1.38 -9.28 19.78
C ASP C 50 1.62 -10.59 20.54
N SER C 51 2.12 -10.50 21.77
CA SER C 51 2.48 -11.66 22.62
C SER C 51 1.26 -12.22 23.35
N ALA C 52 0.10 -11.57 23.24
CA ALA C 52 -1.17 -12.04 23.85
C ALA C 52 -2.29 -11.90 22.83
N PRO C 53 -2.23 -12.67 21.72
CA PRO C 53 -3.26 -12.62 20.68
C PRO C 53 -4.66 -13.00 21.18
N ALA C 54 -5.70 -12.58 20.46
CA ALA C 54 -7.09 -12.98 20.71
C ALA C 54 -7.19 -14.52 20.68
N THR C 55 -8.17 -15.07 21.39
CA THR C 55 -8.43 -16.53 21.46
C THR C 55 -9.76 -16.84 20.76
N ASP C 56 -10.04 -16.15 19.65
CA ASP C 56 -11.35 -16.20 18.92
C ASP C 56 -11.13 -16.78 17.52
N GLY C 57 -9.92 -17.25 17.21
CA GLY C 57 -9.53 -17.75 15.88
C GLY C 57 -8.71 -16.72 15.09
N SER C 58 -8.65 -15.49 15.58
CA SER C 58 -7.87 -14.37 14.97
C SER C 58 -6.38 -14.73 14.88
N GLY C 59 -5.70 -14.30 13.82
CA GLY C 59 -4.23 -14.38 13.72
C GLY C 59 -3.51 -13.44 14.70
N THR C 60 -2.18 -13.51 14.70
CA THR C 60 -1.29 -12.75 15.62
C THR C 60 -0.57 -11.66 14.83
N ALA C 61 -0.86 -10.39 15.12
CA ALA C 61 -0.29 -9.25 14.38
C ALA C 61 1.20 -9.16 14.70
N LEU C 62 2.00 -8.84 13.69
CA LEU C 62 3.46 -8.64 13.83
C LEU C 62 3.96 -7.77 12.70
N GLY C 63 5.18 -7.28 12.88
CA GLY C 63 5.87 -6.45 11.88
C GLY C 63 7.36 -6.49 12.12
N TRP C 64 8.14 -6.37 11.07
CA TRP C 64 9.62 -6.29 11.19
C TRP C 64 10.19 -5.41 10.10
N THR C 65 11.40 -4.91 10.34
CA THR C 65 12.15 -4.11 9.39
C THR C 65 13.48 -4.75 9.08
N VAL C 66 13.94 -4.54 7.86
CA VAL C 66 15.31 -4.78 7.37
C VAL C 66 15.77 -3.50 6.70
N ALA C 67 16.87 -2.93 7.20
CA ALA C 67 17.65 -1.94 6.42
C ALA C 67 18.64 -2.73 5.57
N TRP C 68 18.68 -2.46 4.27
CA TRP C 68 19.45 -3.28 3.30
C TRP C 68 20.92 -2.89 3.24
N LYS C 69 21.55 -2.84 4.41
CA LYS C 69 23.00 -2.63 4.60
C LYS C 69 23.53 -3.80 5.41
N ASN C 70 24.59 -4.44 4.91
CA ASN C 70 25.33 -5.47 5.70
C ASN C 70 26.82 -5.28 5.38
N ASN C 71 27.65 -6.27 5.64
CA ASN C 71 29.12 -6.14 5.47
C ASN C 71 29.51 -6.24 3.99
N TYR C 72 28.58 -6.65 3.12
CA TYR C 72 28.85 -6.88 1.67
C TYR C 72 28.35 -5.70 0.81
N ARG C 73 27.22 -5.12 1.16
CA ARG C 73 26.43 -4.26 0.23
C ARG C 73 25.55 -3.32 1.02
N ASN C 74 25.21 -2.22 0.39
CA ASN C 74 24.26 -1.23 0.93
C ASN C 74 23.37 -0.77 -0.20
N ALA C 75 22.08 -1.14 -0.16
CA ALA C 75 21.06 -0.76 -1.17
C ALA C 75 20.32 0.53 -0.76
N HIS C 76 20.79 1.23 0.28
CA HIS C 76 20.24 2.53 0.74
C HIS C 76 18.72 2.48 0.75
N SER C 77 18.18 1.44 1.40
CA SER C 77 16.74 1.19 1.40
C SER C 77 16.35 0.39 2.64
N ALA C 78 15.07 0.38 2.97
CA ALA C 78 14.54 -0.43 4.08
C ALA C 78 13.20 -0.98 3.68
N THR C 79 12.98 -2.21 4.09
CA THR C 79 11.64 -2.81 3.93
C THR C 79 11.02 -3.04 5.30
N THR C 80 9.75 -2.73 5.46
CA THR C 80 8.93 -3.18 6.60
C THR C 80 7.87 -4.15 6.09
N TRP C 81 7.71 -5.22 6.81
CA TRP C 81 6.63 -6.23 6.62
C TRP C 81 5.66 -6.06 7.78
N SER C 82 4.38 -5.98 7.48
CA SER C 82 3.28 -5.85 8.44
C SER C 82 2.34 -7.01 8.11
N GLY C 83 1.96 -7.79 9.10
CA GLY C 83 1.22 -9.02 8.78
C GLY C 83 0.64 -9.68 10.00
N GLN C 84 0.20 -10.92 9.81
CA GLN C 84 -0.29 -11.74 10.92
C GLN C 84 0.17 -13.18 10.71
N TYR C 85 0.48 -13.81 11.84
CA TYR C 85 0.78 -15.26 11.96
C TYR C 85 -0.55 -16.00 12.15
N VAL C 86 -0.76 -17.05 11.35
CA VAL C 86 -2.01 -17.86 11.34
C VAL C 86 -1.65 -19.34 11.31
N GLY C 87 -2.68 -20.19 11.44
CA GLY C 87 -2.65 -21.63 11.14
C GLY C 87 -3.20 -21.89 9.74
N GLY C 88 -4.21 -22.75 9.62
CA GLY C 88 -4.82 -23.16 8.35
C GLY C 88 -4.35 -24.54 7.94
N ALA C 89 -4.04 -24.73 6.65
CA ALA C 89 -3.43 -25.96 6.09
C ALA C 89 -2.05 -26.18 6.72
N GLU C 90 -1.38 -25.10 7.10
CA GLU C 90 -0.05 -25.11 7.80
C GLU C 90 0.20 -23.74 8.43
N ALA C 91 1.25 -23.63 9.23
CA ALA C 91 1.73 -22.37 9.85
C ALA C 91 2.05 -21.37 8.73
N ARG C 92 1.51 -20.16 8.82
CA ARG C 92 1.73 -19.14 7.79
C ARG C 92 1.92 -17.76 8.43
N ILE C 93 2.75 -16.95 7.80
CA ILE C 93 2.74 -15.51 8.10
C ILE C 93 2.38 -14.75 6.82
N ASN C 94 1.26 -14.02 6.86
CA ASN C 94 0.79 -13.27 5.68
C ASN C 94 1.14 -11.82 5.89
N THR C 95 1.86 -11.23 4.94
CA THR C 95 2.34 -9.84 5.11
C THR C 95 2.02 -8.96 3.90
N GLN C 96 2.01 -7.66 4.10
CA GLN C 96 2.18 -6.65 3.04
C GLN C 96 3.45 -5.91 3.41
N TRP C 97 4.16 -5.42 2.43
CA TRP C 97 5.44 -4.73 2.77
C TRP C 97 5.56 -3.43 1.99
N LEU C 98 6.37 -2.55 2.63
CA LEU C 98 6.78 -1.25 2.05
C LEU C 98 8.29 -1.17 1.99
N LEU C 99 8.85 -0.96 0.81
CA LEU C 99 10.31 -0.88 0.59
C LEU C 99 10.61 0.56 0.17
N THR C 100 11.26 1.31 1.07
CA THR C 100 11.57 2.73 0.81
C THR C 100 13.07 2.85 0.48
N SER C 101 13.37 3.48 -0.65
CA SER C 101 14.74 3.82 -1.08
C SER C 101 14.99 5.30 -0.80
N GLY C 102 16.22 5.60 -0.40
CA GLY C 102 16.70 7.00 -0.33
C GLY C 102 16.50 7.73 -1.64
N THR C 103 15.81 8.87 -1.60
CA THR C 103 15.57 9.75 -2.77
C THR C 103 15.71 11.20 -2.33
N THR C 104 15.74 12.10 -3.32
CA THR C 104 15.39 13.53 -3.10
C THR C 104 13.91 13.60 -2.66
N GLU C 105 13.56 14.66 -1.96
CA GLU C 105 12.15 14.94 -1.54
C GLU C 105 11.28 14.95 -2.80
N ALA C 106 11.81 15.54 -3.87
CA ALA C 106 11.08 15.81 -5.13
C ALA C 106 10.78 14.49 -5.82
N ASN C 107 11.68 13.53 -5.71
CA ASN C 107 11.58 12.19 -6.35
C ASN C 107 11.02 11.14 -5.39
N ALA C 108 10.41 11.55 -4.28
CA ALA C 108 9.89 10.62 -3.27
C ALA C 108 8.70 9.85 -3.85
N TRP C 109 8.04 10.42 -4.84
CA TRP C 109 6.90 9.74 -5.50
C TRP C 109 7.36 8.37 -5.98
N LYS C 110 8.64 8.18 -6.32
CA LYS C 110 9.15 6.85 -6.79
C LYS C 110 10.00 6.15 -5.75
N SER C 111 9.83 6.49 -4.49
CA SER C 111 10.69 6.00 -3.39
C SER C 111 10.22 4.67 -2.82
N THR C 112 8.96 4.31 -2.97
CA THR C 112 8.36 3.26 -2.12
C THR C 112 7.65 2.21 -2.97
N LEU C 113 8.22 1.00 -2.95
CA LEU C 113 7.58 -0.19 -3.55
C LEU C 113 6.68 -0.83 -2.51
N VAL C 114 5.61 -1.51 -3.00
CA VAL C 114 4.65 -2.16 -2.08
C VAL C 114 4.37 -3.55 -2.66
N GLY C 115 4.24 -4.52 -1.77
CA GLY C 115 3.92 -5.88 -2.23
C GLY C 115 3.49 -6.66 -1.04
N HIS C 116 3.42 -7.97 -1.24
CA HIS C 116 2.83 -8.92 -0.28
C HIS C 116 3.66 -10.18 -0.36
N ASP C 117 4.11 -10.63 0.80
CA ASP C 117 4.87 -11.89 0.91
C ASP C 117 4.13 -12.82 1.87
N THR C 118 4.05 -14.09 1.50
CA THR C 118 3.49 -15.14 2.37
C THR C 118 4.61 -16.09 2.69
N PHE C 119 4.81 -16.33 3.98
CA PHE C 119 5.91 -17.16 4.52
C PHE C 119 5.32 -18.48 5.00
N THR C 120 6.02 -19.58 4.70
CA THR C 120 5.83 -20.92 5.30
C THR C 120 7.20 -21.42 5.78
N LYS C 121 7.24 -22.55 6.51
CA LYS C 121 8.52 -23.13 6.96
C LYS C 121 9.03 -24.19 5.96
N VAL C 122 8.61 -24.15 4.69
CA VAL C 122 9.03 -25.13 3.65
C VAL C 122 10.21 -24.56 2.84
N LYS C 123 11.33 -25.29 2.79
CA LYS C 123 12.55 -24.94 2.00
C LYS C 123 12.19 -25.03 0.52
N PRO C 124 12.37 -23.94 -0.26
CA PRO C 124 11.75 -23.81 -1.58
C PRO C 124 12.11 -24.93 -2.55
N GLY D 5 21.13 12.67 13.85
CA GLY D 5 19.99 13.48 13.34
C GLY D 5 18.65 12.80 13.56
N ILE D 6 18.60 11.46 13.54
CA ILE D 6 17.33 10.71 13.79
C ILE D 6 16.98 10.72 15.28
N THR D 7 18.00 10.61 16.14
CA THR D 7 17.77 10.47 17.60
C THR D 7 17.01 11.69 18.13
N GLY D 8 15.93 11.43 18.88
CA GLY D 8 15.13 12.44 19.58
C GLY D 8 13.64 12.24 19.44
N THR D 9 12.89 13.32 19.58
CA THR D 9 11.42 13.35 19.68
C THR D 9 10.93 13.93 18.37
N TRP D 10 9.96 13.25 17.84
CA TRP D 10 9.34 13.60 16.56
C TRP D 10 7.84 13.63 16.73
N TYR D 11 7.19 14.43 15.92
CA TYR D 11 5.73 14.66 16.02
C TYR D 11 5.17 14.53 14.61
N ASN D 12 4.12 13.74 14.46
CA ASN D 12 3.45 13.65 13.14
C ASN D 12 2.20 14.55 13.09
N GLN D 13 1.54 14.52 11.93
CA GLN D 13 0.43 15.47 11.62
C GLN D 13 -0.82 15.15 12.48
N LEU D 14 -0.92 13.95 13.08
CA LEU D 14 -1.99 13.58 14.04
C LEU D 14 -1.65 14.10 15.45
N GLY D 15 -0.41 14.53 15.65
CA GLY D 15 0.14 14.92 16.97
C GLY D 15 0.70 13.75 17.75
N SER D 16 0.86 12.58 17.12
CA SER D 16 1.49 11.40 17.78
C SER D 16 2.95 11.77 18.11
N THR D 17 3.52 11.14 19.14
CA THR D 17 4.90 11.37 19.62
C THR D 17 5.75 10.11 19.44
N PHE D 18 6.80 10.25 18.65
CA PHE D 18 7.76 9.19 18.25
C PHE D 18 9.09 9.56 18.92
N ILE D 19 9.51 8.75 19.89
CA ILE D 19 10.79 8.97 20.61
C ILE D 19 11.72 7.83 20.24
N VAL D 20 12.85 8.16 19.61
CA VAL D 20 13.76 7.17 19.00
C VAL D 20 15.23 7.50 19.29
N THR D 21 16.01 6.44 19.44
CA THR D 21 17.50 6.49 19.45
C THR D 21 17.97 5.68 18.24
N ALA D 22 18.80 6.28 17.40
CA ALA D 22 19.49 5.65 16.26
C ALA D 22 20.87 5.20 16.72
N GLY D 23 21.07 3.90 16.85
CA GLY D 23 22.36 3.33 17.28
C GLY D 23 23.33 3.33 16.14
N ALA D 24 24.64 3.30 16.42
CA ALA D 24 25.70 3.28 15.38
C ALA D 24 25.60 2.03 14.50
N ASP D 25 24.85 1.00 14.93
CA ASP D 25 24.75 -0.32 14.23
C ASP D 25 23.56 -0.36 13.27
N GLY D 26 22.85 0.74 13.09
CA GLY D 26 21.66 0.71 12.24
C GLY D 26 20.39 0.42 13.02
N ALA D 27 20.44 0.23 14.33
CA ALA D 27 19.24 -0.01 15.17
C ALA D 27 18.45 1.27 15.46
N LEU D 28 17.12 1.12 15.57
CA LEU D 28 16.16 2.14 16.05
C LEU D 28 15.47 1.54 17.26
N THR D 29 15.46 2.26 18.37
CA THR D 29 14.82 1.81 19.61
C THR D 29 14.05 3.00 20.14
N GLY D 30 12.89 2.76 20.74
CA GLY D 30 12.23 3.88 21.41
C GLY D 30 10.79 3.60 21.76
N THR D 31 9.97 4.64 21.75
CA THR D 31 8.56 4.53 22.18
C THR D 31 7.72 5.34 21.23
N TYR D 32 6.48 4.91 21.09
CA TYR D 32 5.47 5.57 20.24
C TYR D 32 4.20 5.76 21.05
N GLU D 33 3.66 6.97 20.95
CA GLU D 33 2.39 7.34 21.60
C GLU D 33 1.49 7.93 20.52
N SER D 34 0.41 7.20 20.21
CA SER D 34 -0.54 7.59 19.14
C SER D 34 -1.59 8.55 19.69
N ALA D 35 -1.83 9.66 18.97
CA ALA D 35 -2.93 10.60 19.30
C ALA D 35 -4.29 10.02 18.84
N VAL D 36 -4.30 8.95 18.04
CA VAL D 36 -5.56 8.32 17.55
C VAL D 36 -5.56 6.79 17.72
N GLY D 37 -6.74 6.19 17.51
CA GLY D 37 -6.93 4.74 17.44
C GLY D 37 -6.92 4.10 18.81
N ASN D 38 -6.93 2.76 18.82
CA ASN D 38 -7.05 1.92 20.04
C ASN D 38 -5.67 1.84 20.72
N ALA D 39 -5.26 2.92 21.37
CA ALA D 39 -3.90 3.09 21.91
C ALA D 39 -3.96 4.09 23.05
N GLU D 40 -3.20 3.82 24.11
CA GLU D 40 -2.98 4.80 25.18
C GLU D 40 -1.57 4.59 25.69
N SER D 41 -0.96 5.70 26.09
CA SER D 41 0.38 5.71 26.69
C SER D 41 1.40 5.27 25.63
N ARG D 42 2.58 4.88 26.05
CA ARG D 42 3.70 4.59 25.14
C ARG D 42 3.71 3.10 24.81
N TYR D 43 4.26 2.80 23.65
CA TYR D 43 4.42 1.42 23.12
C TYR D 43 5.88 1.30 22.69
N VAL D 44 6.49 0.13 22.91
CA VAL D 44 7.84 -0.17 22.41
C VAL D 44 7.85 -0.10 20.89
N LEU D 45 8.88 0.50 20.32
CA LEU D 45 9.17 0.34 18.88
C LEU D 45 10.60 -0.15 18.73
N THR D 46 10.85 -0.90 17.68
CA THR D 46 12.21 -1.26 17.23
C THR D 46 12.22 -1.09 15.72
N GLY D 47 13.36 -0.83 15.14
CA GLY D 47 13.47 -0.71 13.68
C GLY D 47 14.90 -0.69 13.22
N ARG D 48 15.14 -0.24 12.02
CA ARG D 48 16.46 -0.25 11.37
C ARG D 48 16.56 0.99 10.51
N TYR D 49 17.76 1.49 10.31
CA TYR D 49 18.02 2.60 9.35
C TYR D 49 19.32 2.31 8.64
N ASP D 50 19.49 2.95 7.48
CA ASP D 50 20.73 2.95 6.68
C ASP D 50 21.76 3.77 7.45
N SER D 51 22.68 3.09 8.09
CA SER D 51 23.68 3.77 8.95
C SER D 51 24.89 4.23 8.14
N ALA D 52 24.92 4.04 6.81
CA ALA D 52 26.01 4.51 5.92
C ALA D 52 25.42 5.03 4.61
N PRO D 53 24.62 6.11 4.66
CA PRO D 53 24.03 6.70 3.46
C PRO D 53 25.12 7.23 2.51
N ALA D 54 24.83 7.22 1.20
CA ALA D 54 25.77 7.61 0.13
C ALA D 54 25.93 9.13 0.08
N THR D 55 24.90 9.87 0.49
CA THR D 55 24.80 11.35 0.33
C THR D 55 23.71 11.90 1.24
N ASP D 56 23.94 13.10 1.79
CA ASP D 56 22.92 13.95 2.47
C ASP D 56 21.83 14.35 1.49
N GLY D 57 22.09 14.25 0.17
CA GLY D 57 21.19 14.72 -0.91
C GLY D 57 20.04 13.76 -1.16
N SER D 58 20.16 12.55 -0.60
CA SER D 58 19.08 11.54 -0.56
C SER D 58 18.66 11.32 0.89
N GLY D 59 17.39 11.01 1.12
CA GLY D 59 16.93 10.68 2.46
C GLY D 59 17.67 9.46 2.97
N THR D 60 17.57 9.24 4.27
CA THR D 60 18.17 8.08 4.96
C THR D 60 17.03 7.09 5.13
N ALA D 61 17.11 5.94 4.47
CA ALA D 61 15.98 5.00 4.49
C ALA D 61 15.93 4.38 5.90
N LEU D 62 14.72 4.18 6.41
CA LEU D 62 14.50 3.58 7.74
C LEU D 62 13.11 2.97 7.83
N GLY D 63 12.90 2.17 8.86
CA GLY D 63 11.55 1.69 9.19
C GLY D 63 11.47 1.27 10.63
N TRP D 64 10.28 1.21 11.17
CA TRP D 64 10.09 0.66 12.52
C TRP D 64 8.72 0.03 12.67
N THR D 65 8.59 -0.78 13.70
CA THR D 65 7.36 -1.47 14.09
C THR D 65 6.91 -1.09 15.49
N VAL D 66 5.62 -0.89 15.66
CA VAL D 66 4.89 -0.93 16.95
C VAL D 66 3.89 -2.09 16.90
N ALA D 67 3.97 -3.01 17.86
CA ALA D 67 2.84 -3.90 18.22
C ALA D 67 2.02 -3.22 19.30
N TRP D 68 0.71 -3.10 19.09
CA TRP D 68 -0.15 -2.21 19.91
C TRP D 68 -0.59 -2.94 21.18
N LYS D 69 0.39 -3.49 21.91
CA LYS D 69 0.21 -4.14 23.23
C LYS D 69 1.17 -3.46 24.20
N ASN D 70 0.64 -2.93 25.29
CA ASN D 70 1.47 -2.48 26.44
C ASN D 70 0.75 -2.92 27.71
N ASN D 71 1.13 -2.35 28.86
CA ASN D 71 0.63 -2.77 30.19
C ASN D 71 -0.84 -2.37 30.37
N TYR D 72 -1.38 -1.50 29.51
CA TYR D 72 -2.75 -0.93 29.63
C TYR D 72 -3.71 -1.60 28.65
N ARG D 73 -3.23 -1.89 27.44
CA ARG D 73 -4.11 -2.06 26.26
C ARG D 73 -3.48 -3.06 25.29
N ASN D 74 -4.30 -3.90 24.67
CA ASN D 74 -3.87 -4.72 23.52
C ASN D 74 -4.92 -4.61 22.43
N ALA D 75 -4.53 -3.99 21.33
CA ALA D 75 -5.38 -3.68 20.16
C ALA D 75 -5.17 -4.75 19.08
N HIS D 76 -4.48 -5.85 19.41
CA HIS D 76 -4.27 -7.04 18.53
C HIS D 76 -3.88 -6.57 17.13
N SER D 77 -2.85 -5.72 17.03
CA SER D 77 -2.46 -5.09 15.75
C SER D 77 -1.02 -4.60 15.81
N ALA D 78 -0.47 -4.29 14.66
CA ALA D 78 0.93 -3.80 14.54
C ALA D 78 1.00 -2.84 13.37
N THR D 79 1.66 -1.73 13.56
CA THR D 79 1.96 -0.82 12.47
C THR D 79 3.44 -0.92 12.15
N THR D 80 3.79 -0.88 10.88
CA THR D 80 5.13 -0.62 10.36
C THR D 80 5.10 0.70 9.60
N TRP D 81 6.11 1.53 9.85
CA TRP D 81 6.39 2.77 9.11
C TRP D 81 7.64 2.55 8.28
N SER D 82 7.57 2.82 6.98
CA SER D 82 8.72 2.73 6.06
C SER D 82 8.91 4.08 5.41
N GLY D 83 10.13 4.62 5.49
CA GLY D 83 10.31 5.97 4.96
C GLY D 83 11.73 6.41 4.98
N GLN D 84 11.91 7.72 4.96
CA GLN D 84 13.27 8.30 4.89
C GLN D 84 13.30 9.56 5.73
N TYR D 85 14.41 9.69 6.47
CA TYR D 85 14.80 10.90 7.23
C TYR D 85 15.47 11.87 6.26
N VAL D 86 15.02 13.13 6.31
CA VAL D 86 15.61 14.29 5.59
C VAL D 86 16.15 15.26 6.65
N GLY D 87 17.44 15.55 6.61
CA GLY D 87 18.12 16.37 7.62
C GLY D 87 17.98 17.86 7.37
N GLY D 88 18.54 18.64 8.29
CA GLY D 88 18.71 20.09 8.10
C GLY D 88 17.63 20.91 8.77
N ALA D 89 17.54 22.18 8.35
CA ALA D 89 16.74 23.26 8.99
C ALA D 89 15.29 22.79 9.21
N GLU D 90 14.75 22.06 8.25
CA GLU D 90 13.35 21.60 8.28
C GLU D 90 13.40 20.07 8.23
N ALA D 91 14.05 19.45 9.22
CA ALA D 91 14.25 17.98 9.27
C ALA D 91 12.88 17.31 9.30
N ARG D 92 12.76 16.20 8.58
CA ARG D 92 11.48 15.50 8.41
C ARG D 92 11.76 14.01 8.38
N ILE D 93 10.84 13.18 8.88
CA ILE D 93 10.78 11.73 8.54
C ILE D 93 9.48 11.50 7.77
N ASN D 94 9.63 11.33 6.48
CA ASN D 94 8.50 11.04 5.55
C ASN D 94 8.22 9.55 5.45
N THR D 95 7.04 9.14 5.87
CA THR D 95 6.68 7.70 5.96
C THR D 95 5.38 7.38 5.23
N GLN D 96 5.34 6.10 4.87
CA GLN D 96 4.10 5.31 4.55
C GLN D 96 4.02 4.18 5.57
N TRP D 97 2.80 3.83 5.99
CA TRP D 97 2.67 2.80 7.05
C TRP D 97 1.61 1.75 6.65
N LEU D 98 1.73 0.58 7.26
CA LEU D 98 0.80 -0.55 7.13
C LEU D 98 0.43 -1.00 8.54
N LEU D 99 -0.84 -0.94 8.89
CA LEU D 99 -1.39 -1.31 10.21
C LEU D 99 -2.20 -2.59 9.98
N THR D 100 -1.61 -3.72 10.35
CA THR D 100 -2.26 -5.04 10.26
C THR D 100 -2.94 -5.38 11.58
N SER D 101 -4.21 -5.79 11.53
CA SER D 101 -4.94 -6.36 12.69
C SER D 101 -4.91 -7.88 12.61
N GLY D 102 -4.81 -8.53 13.79
CA GLY D 102 -5.11 -9.95 13.96
C GLY D 102 -6.56 -10.16 13.65
N THR D 103 -6.85 -10.96 12.63
CA THR D 103 -8.24 -11.14 12.16
C THR D 103 -8.52 -12.62 12.02
N THR D 104 -9.81 -12.94 12.07
CA THR D 104 -10.35 -14.23 11.60
C THR D 104 -10.01 -14.36 10.12
N GLU D 105 -10.01 -15.59 9.60
CA GLU D 105 -9.83 -15.85 8.15
C GLU D 105 -10.86 -15.00 7.38
N ALA D 106 -12.12 -14.98 7.82
CA ALA D 106 -13.23 -14.27 7.15
C ALA D 106 -12.94 -12.77 7.00
N ASN D 107 -12.27 -12.17 7.98
CA ASN D 107 -12.04 -10.70 7.98
C ASN D 107 -10.66 -10.36 7.42
N ALA D 108 -9.86 -11.34 7.00
CA ALA D 108 -8.43 -11.14 6.61
C ALA D 108 -8.30 -10.17 5.43
N TRP D 109 -9.27 -10.12 4.52
CA TRP D 109 -9.24 -9.21 3.36
C TRP D 109 -9.19 -7.76 3.85
N LYS D 110 -9.74 -7.49 5.04
CA LYS D 110 -9.83 -6.11 5.57
C LYS D 110 -8.90 -5.95 6.80
N SER D 111 -7.85 -6.75 6.84
CA SER D 111 -6.86 -6.80 7.96
C SER D 111 -5.96 -5.56 7.98
N THR D 112 -5.77 -4.85 6.88
CA THR D 112 -4.65 -3.88 6.75
C THR D 112 -5.11 -2.51 6.30
N LEU D 113 -4.80 -1.52 7.14
CA LEU D 113 -4.94 -0.09 6.82
C LEU D 113 -3.58 0.41 6.33
N VAL D 114 -3.65 1.35 5.40
CA VAL D 114 -2.44 2.03 4.87
C VAL D 114 -2.66 3.52 4.92
N GLY D 115 -1.57 4.21 5.23
CA GLY D 115 -1.56 5.68 5.28
C GLY D 115 -0.15 6.19 5.18
N HIS D 116 -0.03 7.48 5.45
CA HIS D 116 1.25 8.22 5.37
C HIS D 116 1.33 9.21 6.53
N ASP D 117 2.47 9.21 7.21
CA ASP D 117 2.75 10.12 8.34
C ASP D 117 4.02 10.90 8.00
N THR D 118 3.94 12.21 8.18
CA THR D 118 5.11 13.14 8.15
C THR D 118 5.47 13.60 9.57
N PHE D 119 6.69 13.23 10.00
CA PHE D 119 7.24 13.56 11.33
C PHE D 119 8.15 14.78 11.16
N THR D 120 7.93 15.75 12.03
CA THR D 120 8.82 16.92 12.18
C THR D 120 9.32 17.04 13.63
N LYS D 121 10.29 17.93 13.84
CA LYS D 121 10.92 18.08 15.17
C LYS D 121 10.10 19.11 15.97
N VAL D 122 9.23 19.88 15.29
CA VAL D 122 8.28 20.82 15.97
C VAL D 122 6.87 20.52 15.44
O1 UJE E . 6.67 6.73 -14.71
O2 UJE E . 1.05 13.02 -10.54
C1 UJE E . 5.68 6.07 -15.02
C2 UJE E . 4.45 6.75 -15.57
C3 UJE E . 4.17 8.06 -14.89
C4 UJE E . 3.75 7.89 -13.44
C5 UJE E . 3.59 9.20 -12.66
C6 UJE E . 3.18 9.03 -11.19
S1 UJE E . 1.44 8.49 -11.06
C7 UJE E . 1.58 8.76 -9.28
C8 UJE E . 2.34 10.09 -9.08
N1 UJE E . 1.47 11.23 -9.16
C9 UJE E . 1.66 11.97 -10.27
N2 UJE E . 2.74 11.48 -10.92
C10 UJE E . 3.28 10.28 -10.30
N3 UJE E . 5.67 4.73 -14.91
C11 UJE E . 6.87 3.98 -14.64
C12 UJE E . 6.81 3.19 -13.36
C13 UJE E . 7.98 2.25 -13.52
N4 UJE E . 8.16 2.07 -14.96
C14 UJE E . 7.17 2.90 -15.67
O1 UJE F . -16.79 -3.17 2.33
O2 UJE F . -13.22 -9.01 -4.15
C1 UJE F . -16.93 -2.28 1.50
C2 UJE F . -17.43 -2.53 0.08
C3 UJE F . -16.96 -3.87 -0.48
C4 UJE F . -15.44 -3.99 -0.63
C5 UJE F . -14.96 -5.38 -1.08
C6 UJE F . -13.45 -5.54 -1.17
S1 UJE F . -12.81 -4.68 -2.64
C7 UJE F . -11.20 -5.43 -2.31
C8 UJE F . -11.49 -6.90 -1.94
N1 UJE F . -11.63 -7.75 -3.10
C9 UJE F . -12.86 -8.24 -3.24
N2 UJE F . -13.63 -7.80 -2.20
C10 UJE F . -12.89 -6.97 -1.28
N3 UJE F . -16.66 -1.00 1.80
C11 UJE F . -16.19 -0.56 3.11
C12 UJE F . -17.14 -0.91 4.24
C13 UJE F . -16.25 -1.08 5.42
N4 UJE F . -15.03 -1.68 4.89
C14 UJE F . -14.82 -1.14 3.54
O1 UJE G . 16.60 -4.21 -3.85
O2 UJE G . 11.83 -11.38 0.07
C1 UJE G . 16.63 -3.65 -2.76
C2 UJE G . 16.88 -4.44 -1.49
C3 UJE G . 16.30 -5.82 -1.51
C4 UJE G . 14.78 -5.79 -1.44
C5 UJE G . 14.11 -7.16 -1.50
C6 UJE G . 12.59 -7.10 -1.34
S1 UJE G . 12.02 -6.82 0.37
C7 UJE G . 10.36 -7.16 -0.26
C8 UJE G . 10.47 -8.38 -1.16
N1 UJE G . 10.46 -9.60 -0.40
C9 UJE G . 11.62 -10.28 -0.47
N2 UJE G . 12.45 -9.59 -1.29
C10 UJE G . 11.86 -8.39 -1.81
N3 UJE G . 16.50 -2.32 -2.64
C11 UJE G . 16.38 -1.44 -3.80
C12 UJE G . 14.98 -0.94 -4.06
C13 UJE G . 15.20 0.27 -4.96
N4 UJE G . 16.62 0.61 -4.84
C14 UJE G . 17.17 -0.15 -3.71
O1 UJE H . -6.10 1.52 16.40
O2 UJE H . 0.38 8.15 14.67
C1 UJE H . -5.25 0.65 16.45
C2 UJE H . -3.96 0.92 17.20
C3 UJE H . -3.44 2.32 16.99
C4 UJE H . -2.97 2.64 15.57
C5 UJE H . -2.64 4.11 15.32
C6 UJE H . -2.22 4.44 13.90
S1 UJE H . -0.56 3.79 13.50
C7 UJE H . -0.73 4.73 11.96
C8 UJE H . -1.27 6.11 12.33
N1 UJE H . -0.25 7.05 12.73
C9 UJE H . -0.36 7.37 14.03
N2 UJE H . -1.41 6.73 14.57
C10 UJE H . -2.14 5.96 13.60
N3 UJE H . -5.43 -0.55 15.90
C11 UJE H . -6.71 -0.95 15.34
C12 UJE H . -7.04 -0.21 14.07
C13 UJE H . -7.98 -1.15 13.32
N4 UJE H . -8.06 -2.35 14.14
C14 UJE H . -6.80 -2.40 14.90
#